data_6KVK
#
_entry.id   6KVK
#
_cell.length_a   98.013
_cell.length_b   98.013
_cell.length_c   89.529
_cell.angle_alpha   90.000
_cell.angle_beta   90.000
_cell.angle_gamma   120.000
#
_symmetry.space_group_name_H-M   'P 31 2 1'
#
loop_
_entity.id
_entity.type
_entity.pdbx_description
1 polymer 'UDP-glycosyltransferase 76G1'
2 non-polymer "URIDINE-5'-DIPHOSPHATE"
3 non-polymer Steviolmonoside
4 water water
#
_entity_poly.entity_id   1
_entity_poly.type   'polypeptide(L)'
_entity_poly.pdbx_seq_one_letter_code
;MMENKTETTVRRRRRIILFPVPFQGHINPILQLANVLYSKGFSITIFHTNFNKPKTSNYPHFTFRFILDNDPQDERISNL
PTHGPLAGMRIPIINEHGADELRRELELLMLASEEDEEVSCLITDALWYFAQSVADSLNLRRLVLMTSSLFNFHAHVSLP
QFDELGYLDPDDKTRLEEQASGFPMLKVKDIKSAYSNWQILKEILGKMIKQTKASSGVIWNSFKELEESELETVIREIPA
PSFLIPLPKHLTASSSSLLDHDRTVFQWLDQQPPSSVLYVSFGSTSEVDEKDFLEIARGLVDSKQSFLWVVRPGFVKGST
WVEPLPDGFLGERGRIVKWVPQQEVLAHGAIGAFWTHSGWNSTLESVCEGVPMIFSDFGLDQPLNARYMSDVLKVGVYLE
NGWERGEIANAIRRVMVDEEGEYIRQNARVLKQKADVSLMKGGSSYESLESLVSYISSLTS
;
_entity_poly.pdbx_strand_id   A
#
# COMPACT_ATOMS: atom_id res chain seq x y z
N ARG A 13 -1.60 -28.15 -16.31
CA ARG A 13 -1.13 -26.87 -15.79
C ARG A 13 -2.29 -25.88 -15.74
N ARG A 14 -2.24 -24.99 -14.75
CA ARG A 14 -3.31 -24.05 -14.50
C ARG A 14 -2.76 -22.63 -14.51
N ARG A 15 -3.36 -21.76 -15.33
CA ARG A 15 -2.94 -20.37 -15.49
C ARG A 15 -3.81 -19.43 -14.67
N ILE A 16 -3.18 -18.40 -14.09
CA ILE A 16 -3.87 -17.33 -13.37
C ILE A 16 -3.57 -16.03 -14.09
N ILE A 17 -4.60 -15.21 -14.28
CA ILE A 17 -4.48 -13.90 -14.92
C ILE A 17 -4.63 -12.85 -13.84
N LEU A 18 -3.61 -12.01 -13.65
CA LEU A 18 -3.68 -10.93 -12.67
C LEU A 18 -3.70 -9.57 -13.37
N PHE A 19 -4.46 -8.65 -12.81
CA PHE A 19 -4.78 -7.37 -13.43
C PHE A 19 -4.61 -6.25 -12.40
N PRO A 20 -3.43 -5.65 -12.30
CA PRO A 20 -3.18 -4.63 -11.29
C PRO A 20 -3.66 -3.23 -11.68
N VAL A 21 -3.74 -2.39 -10.66
CA VAL A 21 -3.89 -0.95 -10.87
C VAL A 21 -2.51 -0.38 -11.17
N PRO A 22 -2.33 0.33 -12.28
CA PRO A 22 -1.00 0.78 -12.68
C PRO A 22 -0.41 1.89 -11.82
N PHE A 23 -0.18 1.63 -10.55
CA PHE A 23 0.56 2.55 -9.70
C PHE A 23 1.42 1.73 -8.76
N GLN A 24 2.45 2.40 -8.21
CA GLN A 24 3.49 1.67 -7.49
C GLN A 24 2.95 0.88 -6.30
N GLY A 25 2.03 1.47 -5.53
CA GLY A 25 1.48 0.79 -4.36
C GLY A 25 0.51 -0.34 -4.69
N HIS A 26 0.13 -0.48 -5.95
CA HIS A 26 -0.77 -1.52 -6.38
C HIS A 26 -0.08 -2.60 -7.19
N ILE A 27 0.93 -2.23 -7.99
CA ILE A 27 1.68 -3.21 -8.76
C ILE A 27 2.61 -4.01 -7.84
N ASN A 28 3.22 -3.36 -6.86
CA ASN A 28 4.09 -4.13 -5.98
C ASN A 28 3.33 -5.30 -5.35
N PRO A 29 2.23 -5.06 -4.62
CA PRO A 29 1.59 -6.20 -3.95
C PRO A 29 1.10 -7.27 -4.92
N ILE A 30 0.61 -6.91 -6.11
CA ILE A 30 0.07 -7.96 -6.97
C ILE A 30 1.19 -8.76 -7.65
N LEU A 31 2.31 -8.13 -8.01
CA LEU A 31 3.39 -8.94 -8.57
C LEU A 31 4.03 -9.82 -7.50
N GLN A 32 4.03 -9.37 -6.25
CA GLN A 32 4.42 -10.24 -5.16
C GLN A 32 3.51 -11.46 -5.09
N LEU A 33 2.19 -11.25 -5.06
CA LEU A 33 1.26 -12.37 -5.04
C LEU A 33 1.42 -13.26 -6.28
N ALA A 34 1.59 -12.64 -7.45
CA ALA A 34 1.91 -13.41 -8.66
C ALA A 34 3.07 -14.36 -8.43
N ASN A 35 4.19 -13.85 -7.87
CA ASN A 35 5.35 -14.71 -7.63
C ASN A 35 5.04 -15.82 -6.64
N VAL A 36 4.32 -15.51 -5.56
CA VAL A 36 3.93 -16.51 -4.58
C VAL A 36 3.15 -17.62 -5.26
N LEU A 37 2.21 -17.24 -6.13
CA LEU A 37 1.36 -18.21 -6.80
C LEU A 37 2.13 -19.04 -7.80
N TYR A 38 3.05 -18.41 -8.55
CA TYR A 38 3.94 -19.16 -9.42
C TYR A 38 4.76 -20.18 -8.62
N SER A 39 5.29 -19.77 -7.46
CA SER A 39 6.01 -20.72 -6.62
C SER A 39 5.16 -21.90 -6.22
N LYS A 40 3.84 -21.79 -6.38
CA LYS A 40 2.93 -22.89 -6.10
C LYS A 40 2.55 -23.66 -7.36
N GLY A 41 3.21 -23.36 -8.48
CA GLY A 41 3.03 -24.14 -9.69
C GLY A 41 2.01 -23.59 -10.68
N PHE A 42 1.41 -22.43 -10.41
CA PHE A 42 0.54 -21.81 -11.41
C PHE A 42 1.37 -21.10 -12.47
N SER A 43 0.81 -20.99 -13.67
CA SER A 43 1.40 -20.09 -14.66
C SER A 43 0.71 -18.73 -14.59
N ILE A 44 1.42 -17.71 -15.04
CA ILE A 44 1.04 -16.33 -14.74
C ILE A 44 0.97 -15.53 -16.03
N THR A 45 -0.16 -14.87 -16.25
CA THR A 45 -0.31 -13.84 -17.26
C THR A 45 -0.72 -12.55 -16.56
N ILE A 46 0.03 -11.47 -16.78
CA ILE A 46 -0.26 -10.17 -16.18
C ILE A 46 -0.91 -9.28 -17.24
N PHE A 47 -2.18 -8.93 -17.07
CA PHE A 47 -2.79 -7.86 -17.86
C PHE A 47 -2.41 -6.52 -17.28
N HIS A 48 -1.94 -5.61 -18.12
CA HIS A 48 -1.45 -4.35 -17.61
C HIS A 48 -1.59 -3.27 -18.68
N THR A 49 -1.83 -2.04 -18.22
CA THR A 49 -1.72 -0.90 -19.11
C THR A 49 -0.28 -0.72 -19.56
N ASN A 50 -0.09 -0.05 -20.69
CA ASN A 50 1.24 0.43 -21.04
C ASN A 50 1.69 1.48 -20.04
N PHE A 51 0.76 2.33 -19.61
CA PHE A 51 1.05 3.35 -18.62
C PHE A 51 1.62 2.72 -17.35
N ASN A 52 2.71 3.29 -16.86
CA ASN A 52 3.34 2.88 -15.61
C ASN A 52 3.69 1.40 -15.61
N LYS A 53 4.00 0.84 -16.76
CA LYS A 53 4.27 -0.57 -16.84
C LYS A 53 5.57 -0.91 -16.12
N PRO A 54 5.68 -2.09 -15.54
CA PRO A 54 6.91 -2.53 -14.92
C PRO A 54 7.89 -3.04 -15.98
N LYS A 55 9.08 -3.42 -15.53
CA LYS A 55 10.10 -3.91 -16.46
C LYS A 55 9.83 -5.38 -16.71
N THR A 56 9.24 -5.71 -17.87
CA THR A 56 8.92 -7.11 -18.12
C THR A 56 10.15 -7.97 -18.18
N SER A 57 11.32 -7.38 -18.46
CA SER A 57 12.54 -8.18 -18.41
C SER A 57 12.88 -8.62 -16.99
N ASN A 58 12.22 -8.07 -15.98
CA ASN A 58 12.37 -8.59 -14.63
C ASN A 58 11.47 -9.79 -14.35
N TYR A 59 10.64 -10.21 -15.31
CA TYR A 59 9.68 -11.30 -15.11
C TYR A 59 9.68 -12.22 -16.32
N PRO A 60 10.81 -12.89 -16.61
CA PRO A 60 10.85 -13.82 -17.75
C PRO A 60 9.91 -15.00 -17.58
N HIS A 61 9.51 -15.29 -16.35
CA HIS A 61 8.60 -16.40 -16.06
C HIS A 61 7.13 -15.99 -16.15
N PHE A 62 6.83 -14.70 -16.37
CA PHE A 62 5.47 -14.22 -16.58
C PHE A 62 5.26 -13.87 -18.04
N THR A 63 4.04 -14.08 -18.51
CA THR A 63 3.61 -13.52 -19.79
C THR A 63 2.89 -12.22 -19.54
N PHE A 64 3.27 -11.17 -20.24
CA PHE A 64 2.59 -9.89 -20.14
C PHE A 64 1.73 -9.66 -21.37
N ARG A 65 0.66 -8.91 -21.16
CA ARG A 65 -0.29 -8.57 -22.22
C ARG A 65 -0.79 -7.17 -21.93
N PHE A 66 -0.49 -6.22 -22.82
CA PHE A 66 -0.81 -4.81 -22.53
C PHE A 66 -2.14 -4.41 -23.16
N ILE A 67 -3.00 -3.77 -22.37
CA ILE A 67 -4.39 -3.59 -22.73
C ILE A 67 -4.83 -2.19 -22.31
N LEU A 68 -6.04 -1.83 -22.77
CA LEU A 68 -6.80 -0.65 -22.34
C LEU A 68 -6.14 0.68 -22.69
N ASP A 69 -4.89 0.60 -23.08
CA ASP A 69 -3.97 1.69 -23.07
C ASP A 69 -3.45 1.93 -24.49
N ASN A 70 -3.76 1.02 -25.40
CA ASN A 70 -3.00 0.82 -26.60
C ASN A 70 -3.28 1.92 -27.57
N ASP A 71 -2.32 2.13 -28.46
CA ASP A 71 -1.86 3.44 -28.88
C ASP A 71 -2.88 4.26 -29.62
N PRO A 72 -3.73 3.60 -30.37
CA PRO A 72 -4.97 4.23 -30.79
C PRO A 72 -5.82 4.55 -29.58
N GLN A 73 -5.67 5.71 -28.98
CA GLN A 73 -6.05 5.83 -27.59
C GLN A 73 -7.45 6.35 -27.46
N ASP A 74 -8.09 6.05 -26.34
CA ASP A 74 -9.39 6.64 -26.09
C ASP A 74 -9.26 8.11 -25.79
N GLU A 75 -10.28 8.86 -26.18
CA GLU A 75 -10.38 10.29 -25.88
C GLU A 75 -10.28 10.55 -24.39
N ARG A 76 -10.72 9.61 -23.56
CA ARG A 76 -10.83 9.86 -22.13
C ARG A 76 -9.52 9.67 -21.38
N ILE A 77 -8.50 9.06 -21.99
CA ILE A 77 -7.28 8.71 -21.27
C ILE A 77 -6.06 9.22 -22.03
N SER A 78 -6.29 9.70 -23.27
CA SER A 78 -5.17 10.04 -24.15
C SER A 78 -4.39 11.25 -23.64
N ASN A 79 -5.06 12.19 -22.97
CA ASN A 79 -4.38 13.40 -22.51
C ASN A 79 -4.27 13.48 -21.00
N LEU A 80 -4.43 12.34 -20.30
CA LEU A 80 -4.28 12.36 -18.84
C LEU A 80 -2.80 12.45 -18.46
N PRO A 81 -2.46 13.29 -17.49
CA PRO A 81 -1.06 13.41 -17.07
C PRO A 81 -0.52 12.09 -16.52
N THR A 82 0.81 11.95 -16.59
CA THR A 82 1.46 10.72 -16.19
C THR A 82 2.03 10.76 -14.78
N HIS A 83 1.80 11.84 -14.03
CA HIS A 83 2.27 11.89 -12.65
C HIS A 83 1.45 12.91 -11.88
N GLY A 84 1.70 12.94 -10.57
CA GLY A 84 1.03 13.88 -9.68
C GLY A 84 -0.31 13.38 -9.21
N PRO A 85 -1.22 14.29 -8.95
CA PRO A 85 -2.53 13.90 -8.43
C PRO A 85 -3.37 13.27 -9.53
N LEU A 86 -3.50 14.02 -10.63
CA LEU A 86 -4.54 13.79 -11.63
C LEU A 86 -4.38 12.47 -12.39
N ALA A 87 -3.19 11.90 -12.40
CA ALA A 87 -2.97 10.65 -13.13
C ALA A 87 -3.94 9.56 -12.67
N GLY A 88 -4.27 9.54 -11.37
CA GLY A 88 -5.17 8.56 -10.81
C GLY A 88 -6.55 8.55 -11.43
N MET A 89 -6.90 9.57 -12.22
CA MET A 89 -8.19 9.60 -12.88
C MET A 89 -8.40 8.39 -13.78
N ARG A 90 -7.31 7.72 -14.18
CA ARG A 90 -7.43 6.51 -14.99
C ARG A 90 -8.31 5.46 -14.34
N ILE A 91 -8.38 5.46 -13.01
CA ILE A 91 -9.06 4.39 -12.28
C ILE A 91 -10.57 4.53 -12.47
N PRO A 92 -11.16 5.70 -12.23
CA PRO A 92 -12.59 5.84 -12.57
C PRO A 92 -12.86 5.63 -14.05
N ILE A 93 -11.97 6.09 -14.92
CA ILE A 93 -12.24 6.03 -16.36
C ILE A 93 -12.23 4.59 -16.86
N ILE A 94 -11.17 3.85 -16.55
CA ILE A 94 -11.09 2.46 -17.00
C ILE A 94 -12.23 1.63 -16.40
N ASN A 95 -12.58 1.88 -15.14
CA ASN A 95 -13.71 1.19 -14.51
C ASN A 95 -14.99 1.42 -15.30
N GLU A 96 -15.24 2.65 -15.71
CA GLU A 96 -16.50 3.00 -16.35
C GLU A 96 -16.55 2.65 -17.84
N HIS A 97 -15.42 2.29 -18.47
CA HIS A 97 -15.41 2.13 -19.93
C HIS A 97 -14.49 1.03 -20.45
N GLY A 98 -14.01 0.11 -19.63
CA GLY A 98 -13.04 -0.84 -20.13
C GLY A 98 -13.58 -2.25 -20.18
N ALA A 99 -14.85 -2.43 -19.82
CA ALA A 99 -15.43 -3.76 -19.78
C ALA A 99 -15.31 -4.47 -21.14
N ASP A 100 -15.79 -3.83 -22.20
CA ASP A 100 -15.77 -4.45 -23.52
C ASP A 100 -14.38 -4.95 -23.89
N GLU A 101 -13.36 -4.13 -23.63
CA GLU A 101 -12.03 -4.53 -24.07
C GLU A 101 -11.46 -5.59 -23.15
N LEU A 102 -11.70 -5.48 -21.84
CA LEU A 102 -11.28 -6.54 -20.95
C LEU A 102 -11.91 -7.87 -21.36
N ARG A 103 -13.20 -7.86 -21.67
CA ARG A 103 -13.86 -9.10 -22.08
C ARG A 103 -13.21 -9.70 -23.31
N ARG A 104 -12.97 -8.87 -24.32
CA ARG A 104 -12.31 -9.37 -25.53
C ARG A 104 -10.96 -10.01 -25.16
N GLU A 105 -10.13 -9.29 -24.41
CA GLU A 105 -8.78 -9.78 -24.13
C GLU A 105 -8.81 -11.07 -23.33
N LEU A 106 -9.61 -11.12 -22.26
CA LEU A 106 -9.79 -12.36 -21.54
C LEU A 106 -10.24 -13.48 -22.47
N GLU A 107 -11.25 -13.20 -23.30
CA GLU A 107 -11.82 -14.24 -24.15
C GLU A 107 -10.83 -14.69 -25.23
N LEU A 108 -10.02 -13.77 -25.75
CA LEU A 108 -8.97 -14.16 -26.70
C LEU A 108 -8.02 -15.16 -26.06
N LEU A 109 -7.60 -14.88 -24.83
CA LEU A 109 -6.60 -15.73 -24.18
C LEU A 109 -7.17 -17.10 -23.87
N MET A 110 -8.38 -17.16 -23.32
CA MET A 110 -9.03 -18.45 -23.08
C MET A 110 -9.21 -19.24 -24.37
N LEU A 111 -9.46 -18.55 -25.50
CA LEU A 111 -9.64 -19.25 -26.77
C LEU A 111 -8.32 -19.81 -27.27
N ALA A 112 -7.23 -19.08 -27.12
CA ALA A 112 -5.94 -19.65 -27.48
C ALA A 112 -5.42 -20.63 -26.43
N SER A 113 -6.13 -20.77 -25.31
CA SER A 113 -5.68 -21.65 -24.24
C SER A 113 -5.31 -23.01 -24.78
N GLU A 114 -4.08 -23.44 -24.48
CA GLU A 114 -3.57 -24.71 -24.95
C GLU A 114 -4.44 -25.85 -24.45
N GLU A 115 -4.12 -27.05 -24.95
CA GLU A 115 -4.87 -28.24 -24.55
C GLU A 115 -4.74 -28.49 -23.06
N ASP A 116 -3.51 -28.76 -22.60
CA ASP A 116 -3.24 -29.05 -21.20
C ASP A 116 -3.64 -27.89 -20.27
N GLU A 117 -4.01 -26.74 -20.83
CA GLU A 117 -4.13 -25.53 -20.05
C GLU A 117 -5.58 -25.13 -19.84
N GLU A 118 -5.82 -24.45 -18.74
CA GLU A 118 -7.12 -23.94 -18.36
C GLU A 118 -6.88 -22.76 -17.44
N VAL A 119 -7.64 -21.68 -17.63
CA VAL A 119 -7.49 -20.52 -16.78
C VAL A 119 -8.28 -20.75 -15.50
N SER A 120 -7.58 -20.75 -14.37
CA SER A 120 -8.24 -21.04 -13.09
C SER A 120 -9.15 -19.89 -12.66
N CYS A 121 -8.71 -18.65 -12.84
CA CYS A 121 -9.42 -17.49 -12.32
C CYS A 121 -8.70 -16.21 -12.76
N LEU A 122 -9.40 -15.10 -12.58
CA LEU A 122 -8.83 -13.77 -12.74
C LEU A 122 -8.69 -13.14 -11.35
N ILE A 123 -7.54 -12.54 -11.08
CA ILE A 123 -7.31 -11.81 -9.83
C ILE A 123 -7.07 -10.34 -10.17
N THR A 124 -7.95 -9.46 -9.70
CA THR A 124 -7.77 -8.05 -9.97
C THR A 124 -7.57 -7.31 -8.66
N ASP A 125 -6.93 -6.14 -8.77
CA ASP A 125 -7.03 -5.15 -7.71
C ASP A 125 -8.48 -4.94 -7.35
N ALA A 126 -8.74 -4.67 -6.06
CA ALA A 126 -10.12 -4.45 -5.64
C ALA A 126 -10.71 -3.17 -6.22
N LEU A 127 -9.89 -2.20 -6.63
CA LEU A 127 -10.44 -1.02 -7.30
C LEU A 127 -10.92 -1.29 -8.71
N TRP A 128 -10.53 -2.40 -9.33
CA TRP A 128 -11.08 -2.77 -10.63
C TRP A 128 -12.42 -3.47 -10.42
N TYR A 129 -13.37 -2.70 -9.88
CA TYR A 129 -14.67 -3.24 -9.54
C TYR A 129 -15.48 -3.58 -10.78
N PHE A 130 -15.16 -2.98 -11.94
CA PHE A 130 -15.82 -3.34 -13.19
C PHE A 130 -15.46 -4.76 -13.66
N ALA A 131 -14.35 -5.31 -13.22
CA ALA A 131 -13.97 -6.63 -13.73
C ALA A 131 -14.90 -7.74 -13.26
N GLN A 132 -15.74 -7.47 -12.26
CA GLN A 132 -16.54 -8.54 -11.67
C GLN A 132 -17.59 -9.04 -12.66
N SER A 133 -18.35 -8.12 -13.27
CA SER A 133 -19.37 -8.58 -14.21
C SER A 133 -18.73 -9.03 -15.52
N VAL A 134 -17.60 -8.44 -15.90
CA VAL A 134 -16.88 -8.96 -17.06
C VAL A 134 -16.55 -10.43 -16.85
N ALA A 135 -15.90 -10.74 -15.73
CA ALA A 135 -15.60 -12.14 -15.42
C ALA A 135 -16.87 -12.99 -15.41
N ASP A 136 -17.90 -12.53 -14.69
CA ASP A 136 -19.16 -13.26 -14.65
C ASP A 136 -19.64 -13.60 -16.06
N SER A 137 -19.58 -12.61 -16.97
CA SER A 137 -20.08 -12.81 -18.32
C SER A 137 -19.35 -13.92 -19.05
N LEU A 138 -18.15 -14.28 -18.58
CA LEU A 138 -17.37 -15.37 -19.17
C LEU A 138 -17.44 -16.66 -18.36
N ASN A 139 -18.19 -16.69 -17.26
CA ASN A 139 -18.16 -17.85 -16.36
C ASN A 139 -16.76 -18.07 -15.84
N LEU A 140 -16.06 -16.97 -15.58
CA LEU A 140 -14.71 -16.99 -15.04
C LEU A 140 -14.70 -16.44 -13.61
N ARG A 141 -14.15 -17.23 -12.70
CA ARG A 141 -14.03 -16.79 -11.31
C ARG A 141 -13.07 -15.62 -11.18
N ARG A 142 -13.46 -14.62 -10.41
CA ARG A 142 -12.59 -13.48 -10.14
C ARG A 142 -12.33 -13.40 -8.64
N LEU A 143 -11.06 -13.36 -8.27
CA LEU A 143 -10.67 -13.06 -6.91
C LEU A 143 -10.15 -11.62 -6.82
N VAL A 144 -10.21 -11.06 -5.62
CA VAL A 144 -9.86 -9.67 -5.37
C VAL A 144 -8.64 -9.62 -4.46
N LEU A 145 -7.63 -8.84 -4.85
CA LEU A 145 -6.51 -8.54 -3.96
C LEU A 145 -6.76 -7.17 -3.36
N MET A 146 -6.90 -7.13 -2.03
CA MET A 146 -6.99 -5.89 -1.28
C MET A 146 -5.59 -5.38 -1.02
N THR A 147 -5.32 -4.13 -1.39
CA THR A 147 -3.99 -3.58 -1.16
C THR A 147 -3.95 -2.60 -0.01
N SER A 148 -5.08 -2.36 0.65
CA SER A 148 -5.14 -1.61 1.89
C SER A 148 -5.64 -2.57 2.98
N SER A 149 -5.72 -2.09 4.21
CA SER A 149 -5.79 -2.99 5.36
C SER A 149 -7.21 -3.43 5.68
N LEU A 150 -7.32 -4.51 6.46
CA LEU A 150 -8.62 -4.96 6.94
C LEU A 150 -9.31 -3.88 7.76
N PHE A 151 -8.55 -3.19 8.61
CA PHE A 151 -9.07 -2.10 9.41
C PHE A 151 -9.66 -1.00 8.52
N ASN A 152 -8.94 -0.66 7.45
CA ASN A 152 -9.43 0.35 6.53
C ASN A 152 -10.77 -0.07 5.93
N PHE A 153 -10.83 -1.29 5.40
CA PHE A 153 -12.09 -1.81 4.91
C PHE A 153 -13.18 -1.73 5.97
N HIS A 154 -12.82 -2.02 7.23
CA HIS A 154 -13.82 -1.92 8.29
C HIS A 154 -14.40 -0.51 8.36
N ALA A 155 -13.57 0.51 8.08
CA ALA A 155 -14.06 1.88 8.10
C ALA A 155 -14.94 2.18 6.89
N HIS A 156 -14.59 1.64 5.71
CA HIS A 156 -15.41 1.85 4.53
C HIS A 156 -16.83 1.35 4.75
N VAL A 157 -16.99 0.15 5.33
CA VAL A 157 -18.34 -0.36 5.54
C VAL A 157 -19.06 0.48 6.59
N SER A 158 -18.33 1.12 7.49
CA SER A 158 -18.95 1.97 8.50
C SER A 158 -19.18 3.39 8.03
N LEU A 159 -18.90 3.69 6.76
CA LEU A 159 -19.15 5.04 6.24
C LEU A 159 -20.57 5.52 6.52
N PRO A 160 -21.61 4.78 6.14
CA PRO A 160 -22.98 5.26 6.40
C PRO A 160 -23.22 5.75 7.81
N GLN A 161 -22.64 5.10 8.82
CA GLN A 161 -22.78 5.62 10.18
C GLN A 161 -21.98 6.90 10.36
N PHE A 162 -20.85 7.02 9.66
CA PHE A 162 -20.04 8.24 9.71
C PHE A 162 -20.78 9.40 9.04
N ASP A 163 -21.32 9.17 7.85
CA ASP A 163 -22.06 10.22 7.15
C ASP A 163 -23.24 10.72 7.98
N GLU A 164 -24.12 9.82 8.41
CA GLU A 164 -25.29 10.21 9.17
C GLU A 164 -24.91 10.89 10.48
N LEU A 165 -23.74 10.58 11.03
CA LEU A 165 -23.26 11.26 12.22
C LEU A 165 -22.65 12.62 11.92
N GLY A 166 -22.49 12.98 10.65
CA GLY A 166 -21.92 14.26 10.27
C GLY A 166 -20.42 14.30 10.21
N TYR A 167 -19.75 13.15 10.31
CA TYR A 167 -18.30 13.14 10.31
C TYR A 167 -17.74 13.48 8.93
N LEU A 168 -18.39 12.98 7.91
CA LEU A 168 -17.91 13.23 6.56
C LEU A 168 -18.36 14.57 6.03
N ASP A 169 -18.68 15.48 6.93
CA ASP A 169 -19.01 16.83 6.56
C ASP A 169 -17.81 17.72 6.73
N PRO A 170 -17.17 18.04 5.62
CA PRO A 170 -15.91 18.76 5.64
C PRO A 170 -16.03 20.16 6.16
N ASP A 171 -17.17 20.80 5.93
CA ASP A 171 -17.33 22.18 6.32
C ASP A 171 -18.43 22.36 7.33
N ASP A 172 -18.03 22.92 8.46
CA ASP A 172 -18.48 22.51 9.79
C ASP A 172 -18.37 21.03 10.05
N LYS A 173 -19.39 20.44 10.66
CA LYS A 173 -19.39 19.90 12.04
C LYS A 173 -17.90 19.42 11.89
N THR A 174 -16.96 19.92 12.58
CA THR A 174 -15.70 20.43 13.16
C THR A 174 -15.57 20.33 14.71
N ARG A 175 -16.29 19.42 15.35
CA ARG A 175 -16.84 19.75 16.62
C ARG A 175 -16.14 18.89 17.59
N LEU A 176 -16.55 17.63 17.69
CA LEU A 176 -16.24 16.81 18.83
C LEU A 176 -14.79 16.44 18.70
N GLU A 177 -14.50 15.66 17.66
CA GLU A 177 -13.24 15.69 16.93
C GLU A 177 -12.08 15.08 17.69
N GLU A 178 -12.36 14.55 18.86
CA GLU A 178 -11.63 13.41 19.37
C GLU A 178 -12.59 12.31 19.86
N GLN A 179 -12.19 11.06 19.57
CA GLN A 179 -12.95 9.81 19.58
C GLN A 179 -14.26 9.28 19.05
N ALA A 180 -14.32 9.02 17.74
CA ALA A 180 -15.53 8.45 17.19
C ALA A 180 -16.60 7.47 17.58
N SER A 181 -17.84 7.84 17.34
CA SER A 181 -18.97 7.17 17.91
C SER A 181 -19.13 5.85 17.24
N GLY A 182 -19.02 4.79 18.00
CA GLY A 182 -19.15 3.45 17.46
C GLY A 182 -17.91 2.90 16.79
N PHE A 183 -16.80 3.61 16.89
CA PHE A 183 -15.56 3.21 16.27
C PHE A 183 -14.48 3.81 17.11
N PRO A 184 -14.28 3.25 18.27
CA PRO A 184 -13.50 3.90 19.30
C PRO A 184 -12.02 3.91 18.95
N MET A 185 -11.58 3.01 18.11
CA MET A 185 -10.18 2.97 17.70
C MET A 185 -9.82 4.14 16.80
N LEU A 186 -10.77 4.96 16.39
CA LEU A 186 -10.51 6.17 15.62
C LEU A 186 -10.93 7.43 16.39
N LYS A 187 -10.27 8.54 16.10
CA LYS A 187 -10.72 9.86 16.48
C LYS A 187 -11.48 10.49 15.30
N VAL A 188 -12.30 11.49 15.60
CA VAL A 188 -13.09 12.09 14.52
C VAL A 188 -12.18 12.68 13.46
N LYS A 189 -11.06 13.29 13.88
CA LYS A 189 -10.12 13.87 12.92
C LYS A 189 -9.65 12.86 11.88
N ASP A 190 -9.34 11.64 12.30
CA ASP A 190 -8.89 10.62 11.35
C ASP A 190 -9.89 10.44 10.21
N ILE A 191 -11.18 10.36 10.57
CA ILE A 191 -12.23 10.10 9.60
C ILE A 191 -12.35 11.25 8.59
N LYS A 192 -12.23 12.49 9.09
CA LYS A 192 -12.41 13.67 8.25
C LYS A 192 -11.32 13.76 7.18
N SER A 193 -10.07 13.50 7.54
CA SER A 193 -9.00 13.59 6.56
C SER A 193 -9.01 12.41 5.62
N ALA A 194 -9.38 11.23 6.12
CA ALA A 194 -9.45 10.06 5.25
C ALA A 194 -10.52 10.22 4.18
N TYR A 195 -11.67 10.78 4.53
CA TYR A 195 -12.79 10.90 3.59
C TYR A 195 -13.05 12.35 3.19
N SER A 196 -12.02 13.19 3.23
CA SER A 196 -12.20 14.59 2.80
C SER A 196 -12.54 14.69 1.32
N ASN A 197 -12.22 13.66 0.53
CA ASN A 197 -12.64 13.57 -0.87
C ASN A 197 -13.96 12.85 -1.02
N TRP A 198 -14.92 13.12 -0.13
CA TRP A 198 -16.11 12.28 -0.06
C TRP A 198 -16.80 12.17 -1.42
N GLN A 199 -16.92 13.28 -2.14
CA GLN A 199 -17.61 13.30 -3.43
C GLN A 199 -17.18 12.13 -4.33
N ILE A 200 -15.88 11.99 -4.60
CA ILE A 200 -15.40 10.94 -5.49
C ILE A 200 -15.35 9.60 -4.76
N LEU A 201 -14.84 9.57 -3.52
CA LEU A 201 -14.64 8.31 -2.84
C LEU A 201 -15.96 7.62 -2.53
N LYS A 202 -16.97 8.37 -2.13
CA LYS A 202 -18.29 7.81 -1.84
C LYS A 202 -18.74 6.85 -2.96
N GLU A 203 -18.74 7.33 -4.20
CA GLU A 203 -19.14 6.49 -5.32
C GLU A 203 -18.21 5.28 -5.47
N ILE A 204 -16.90 5.53 -5.54
CA ILE A 204 -15.95 4.47 -5.88
C ILE A 204 -15.92 3.40 -4.79
N LEU A 205 -15.87 3.82 -3.52
CA LEU A 205 -15.77 2.81 -2.47
C LEU A 205 -17.05 1.98 -2.38
N GLY A 206 -18.18 2.58 -2.71
CA GLY A 206 -19.41 1.81 -2.84
C GLY A 206 -19.22 0.64 -3.78
N LYS A 207 -18.90 0.95 -5.04
CA LYS A 207 -18.74 -0.10 -6.05
C LYS A 207 -17.64 -1.07 -5.67
N MET A 208 -16.54 -0.57 -5.12
CA MET A 208 -15.45 -1.47 -4.72
C MET A 208 -15.91 -2.46 -3.67
N ILE A 209 -16.48 -1.95 -2.57
CA ILE A 209 -17.07 -2.81 -1.55
C ILE A 209 -18.10 -3.77 -2.18
N LYS A 210 -19.03 -3.24 -2.96
CA LYS A 210 -20.10 -4.08 -3.50
C LYS A 210 -19.54 -5.23 -4.32
N GLN A 211 -18.55 -4.97 -5.18
CA GLN A 211 -18.01 -5.98 -6.06
C GLN A 211 -16.97 -6.85 -5.39
N THR A 212 -16.38 -6.39 -4.28
CA THR A 212 -15.53 -7.29 -3.50
C THR A 212 -16.37 -8.31 -2.74
N LYS A 213 -17.53 -7.89 -2.21
CA LYS A 213 -18.45 -8.85 -1.59
C LYS A 213 -18.96 -9.89 -2.58
N ALA A 214 -19.18 -9.48 -3.84
CA ALA A 214 -19.73 -10.37 -4.86
C ALA A 214 -18.69 -11.24 -5.55
N SER A 215 -17.40 -11.06 -5.23
CA SER A 215 -16.35 -11.84 -5.86
C SER A 215 -16.33 -13.28 -5.32
N SER A 216 -15.38 -14.06 -5.81
CA SER A 216 -15.19 -15.45 -5.41
C SER A 216 -14.18 -15.61 -4.28
N GLY A 217 -13.54 -14.53 -3.84
CA GLY A 217 -12.55 -14.66 -2.79
C GLY A 217 -11.71 -13.41 -2.67
N VAL A 218 -11.29 -13.06 -1.45
CA VAL A 218 -10.51 -11.85 -1.21
C VAL A 218 -9.18 -12.23 -0.57
N ILE A 219 -8.09 -11.78 -1.19
CA ILE A 219 -6.75 -11.92 -0.65
C ILE A 219 -6.35 -10.61 -0.01
N TRP A 220 -5.91 -10.66 1.24
CA TRP A 220 -5.54 -9.45 1.96
C TRP A 220 -4.04 -9.46 2.16
N ASN A 221 -3.42 -8.33 1.87
CA ASN A 221 -2.00 -8.09 2.14
C ASN A 221 -1.88 -7.71 3.61
N SER A 222 -1.74 -8.71 4.47
CA SER A 222 -1.82 -8.52 5.92
C SER A 222 -1.60 -9.88 6.57
N PHE A 223 -1.75 -9.95 7.90
CA PHE A 223 -1.75 -11.25 8.57
C PHE A 223 -2.57 -11.18 9.84
N LYS A 224 -3.08 -12.35 10.25
CA LYS A 224 -4.09 -12.41 11.31
C LYS A 224 -3.61 -11.73 12.57
N GLU A 225 -2.33 -11.90 12.91
CA GLU A 225 -1.83 -11.32 14.16
C GLU A 225 -1.50 -9.85 14.00
N LEU A 226 -1.60 -9.33 12.79
CA LEU A 226 -1.44 -7.90 12.59
C LEU A 226 -2.74 -7.16 12.87
N GLU A 227 -3.88 -7.74 12.50
CA GLU A 227 -5.16 -7.04 12.48
C GLU A 227 -6.26 -7.90 13.08
N GLU A 228 -5.93 -8.63 14.16
CA GLU A 228 -6.86 -9.62 14.67
C GLU A 228 -8.21 -9.01 15.04
N SER A 229 -8.22 -7.78 15.52
CA SER A 229 -9.49 -7.14 15.85
C SER A 229 -10.41 -7.03 14.64
N GLU A 230 -9.85 -7.09 13.43
CA GLU A 230 -10.63 -6.83 12.22
C GLU A 230 -11.17 -8.09 11.55
N LEU A 231 -10.80 -9.29 12.01
CA LEU A 231 -11.20 -10.50 11.30
C LEU A 231 -12.71 -10.68 11.31
N GLU A 232 -13.37 -10.33 12.42
CA GLU A 232 -14.80 -10.59 12.52
C GLU A 232 -15.56 -9.81 11.45
N THR A 233 -15.19 -8.56 11.26
CA THR A 233 -15.85 -7.73 10.26
C THR A 233 -15.76 -8.37 8.88
N VAL A 234 -14.58 -8.85 8.50
CA VAL A 234 -14.37 -9.40 7.17
C VAL A 234 -15.19 -10.67 6.97
N ILE A 235 -15.21 -11.55 7.98
CA ILE A 235 -16.00 -12.77 7.88
C ILE A 235 -17.47 -12.44 7.72
N ARG A 236 -17.95 -11.42 8.43
CA ARG A 236 -19.37 -11.09 8.40
C ARG A 236 -19.76 -10.32 7.16
N GLU A 237 -18.88 -9.49 6.62
CA GLU A 237 -19.21 -8.65 5.48
C GLU A 237 -18.96 -9.33 4.15
N ILE A 238 -18.03 -10.28 4.07
CA ILE A 238 -17.66 -10.86 2.78
C ILE A 238 -18.02 -12.35 2.76
N PRO A 239 -19.00 -12.75 1.95
CA PRO A 239 -19.41 -14.18 1.97
C PRO A 239 -18.32 -15.09 1.44
N ALA A 240 -17.56 -14.62 0.45
CA ALA A 240 -16.52 -15.45 -0.12
C ALA A 240 -15.38 -15.62 0.85
N PRO A 241 -14.56 -16.63 0.68
CA PRO A 241 -13.45 -16.84 1.61
C PRO A 241 -12.42 -15.72 1.52
N SER A 242 -11.83 -15.39 2.67
CA SER A 242 -10.77 -14.41 2.78
C SER A 242 -9.46 -15.11 3.15
N PHE A 243 -8.35 -14.61 2.59
CA PHE A 243 -7.03 -15.19 2.86
C PHE A 243 -6.05 -14.06 3.16
N LEU A 244 -5.40 -14.14 4.33
CA LEU A 244 -4.47 -13.11 4.80
C LEU A 244 -3.05 -13.59 4.60
N ILE A 245 -2.30 -12.92 3.73
CA ILE A 245 -0.96 -13.31 3.36
C ILE A 245 -0.08 -12.07 3.44
N PRO A 246 0.92 -12.02 4.29
CA PRO A 246 1.80 -10.86 4.32
C PRO A 246 2.82 -10.89 3.19
N LEU A 247 2.48 -10.29 2.05
CA LEU A 247 3.31 -10.44 0.86
C LEU A 247 4.77 -10.06 1.09
N PRO A 248 5.10 -9.01 1.84
CA PRO A 248 6.51 -8.67 2.03
C PRO A 248 7.30 -9.75 2.74
N LYS A 249 6.66 -10.62 3.54
CA LYS A 249 7.42 -11.72 4.13
C LYS A 249 7.78 -12.79 3.12
N HIS A 250 7.19 -12.78 1.94
CA HIS A 250 7.60 -13.77 0.95
C HIS A 250 8.72 -13.25 0.06
N LEU A 251 8.66 -11.98 -0.34
CA LEU A 251 9.70 -11.40 -1.18
C LEU A 251 9.47 -9.90 -1.25
N THR A 252 10.55 -9.15 -1.47
CA THR A 252 10.41 -7.70 -1.64
C THR A 252 9.84 -7.41 -3.01
N ALA A 253 9.44 -6.15 -3.22
CA ALA A 253 8.85 -5.71 -4.47
C ALA A 253 9.86 -5.02 -5.38
N SER A 254 11.16 -5.32 -5.23
CA SER A 254 12.17 -4.60 -5.98
C SER A 254 12.04 -4.84 -7.49
N SER A 255 11.66 -6.05 -7.90
CA SER A 255 11.54 -6.36 -9.31
C SER A 255 10.47 -5.54 -10.00
N SER A 256 9.50 -4.99 -9.26
CA SER A 256 8.45 -4.21 -9.87
C SER A 256 8.63 -2.71 -9.67
N SER A 257 9.82 -2.29 -9.23
CA SER A 257 10.11 -0.87 -9.14
C SER A 257 9.86 -0.20 -10.49
N LEU A 258 9.19 0.95 -10.46
CA LEU A 258 9.00 1.79 -11.64
C LEU A 258 10.09 2.85 -11.77
N LEU A 259 11.10 2.82 -10.91
CA LEU A 259 12.16 3.82 -10.91
C LEU A 259 13.51 3.14 -10.76
N ASP A 260 14.57 3.91 -10.94
CA ASP A 260 15.92 3.38 -10.86
C ASP A 260 16.42 3.48 -9.43
N HIS A 261 16.80 2.36 -8.85
CA HIS A 261 17.27 2.37 -7.48
C HIS A 261 18.56 3.18 -7.37
N ASP A 262 18.67 3.98 -6.30
CA ASP A 262 19.85 4.82 -6.11
C ASP A 262 21.12 4.02 -5.81
N ARG A 263 20.98 2.83 -5.22
CA ARG A 263 22.10 1.89 -5.16
C ARG A 263 23.43 2.19 -4.47
N THR A 264 23.62 3.45 -4.05
CA THR A 264 24.89 3.94 -3.51
C THR A 264 24.56 3.97 -2.02
N VAL A 265 23.28 3.87 -1.66
CA VAL A 265 22.88 4.07 -0.27
C VAL A 265 23.34 2.94 0.63
N PHE A 266 23.58 1.75 0.10
CA PHE A 266 24.04 0.66 0.97
C PHE A 266 25.49 0.88 1.41
N GLN A 267 26.35 1.38 0.51
CA GLN A 267 27.71 1.68 0.95
C GLN A 267 27.71 2.72 2.06
N TRP A 268 26.72 3.63 2.06
CA TRP A 268 26.61 4.63 3.10
C TRP A 268 26.03 4.04 4.39
N LEU A 269 25.04 3.14 4.26
CA LEU A 269 24.47 2.48 5.43
C LEU A 269 25.51 1.61 6.13
N ASP A 270 26.41 0.97 5.36
CA ASP A 270 27.50 0.17 5.92
C ASP A 270 28.50 1.00 6.74
N GLN A 271 28.43 2.33 6.68
CA GLN A 271 29.29 3.21 7.47
C GLN A 271 28.61 3.75 8.73
N GLN A 272 27.41 3.28 9.04
CA GLN A 272 26.67 3.78 10.18
C GLN A 272 26.55 2.72 11.25
N PRO A 273 26.57 3.09 12.53
CA PRO A 273 26.35 2.11 13.58
C PRO A 273 24.97 1.52 13.50
N PRO A 274 24.77 0.33 14.10
CA PRO A 274 23.45 -0.30 14.10
C PRO A 274 22.35 0.57 14.70
N SER A 275 21.14 0.40 14.16
CA SER A 275 19.92 1.05 14.66
C SER A 275 20.05 2.57 14.82
N SER A 276 20.90 3.22 14.04
CA SER A 276 21.21 4.63 14.29
C SER A 276 20.75 5.55 13.18
N VAL A 277 20.09 5.03 12.15
CA VAL A 277 19.69 5.81 10.98
C VAL A 277 18.17 5.86 10.91
N LEU A 278 17.65 7.06 10.71
CA LEU A 278 16.24 7.29 10.40
C LEU A 278 16.01 7.20 8.90
N TYR A 279 15.17 6.26 8.47
CA TYR A 279 14.69 6.25 7.09
C TYR A 279 13.40 7.08 6.98
N VAL A 280 13.32 7.90 5.94
CA VAL A 280 12.24 8.87 5.81
C VAL A 280 11.74 8.89 4.37
N SER A 281 10.44 8.66 4.19
CA SER A 281 9.82 8.69 2.86
C SER A 281 8.34 9.02 3.02
N PHE A 282 7.90 10.09 2.35
CA PHE A 282 6.55 10.60 2.56
C PHE A 282 5.60 10.21 1.44
N GLY A 283 5.96 9.25 0.60
CA GLY A 283 4.98 8.70 -0.30
C GLY A 283 5.13 9.24 -1.72
N SER A 284 4.75 8.40 -2.70
CA SER A 284 5.09 8.69 -4.09
C SER A 284 4.24 9.79 -4.69
N THR A 285 3.12 10.12 -4.05
CA THR A 285 2.16 11.08 -4.59
C THR A 285 1.96 12.31 -3.72
N SER A 286 2.53 12.34 -2.55
CA SER A 286 2.20 13.38 -1.61
C SER A 286 2.91 14.72 -1.82
N GLU A 287 2.41 15.75 -1.16
CA GLU A 287 2.77 17.12 -1.43
C GLU A 287 2.80 18.00 -0.22
N VAL A 288 3.72 18.93 -0.18
CA VAL A 288 3.89 19.74 1.01
C VAL A 288 4.25 21.18 0.69
N ASP A 289 3.66 22.04 1.48
CA ASP A 289 4.21 23.34 1.64
C ASP A 289 5.57 23.53 2.25
N GLU A 290 6.16 24.16 1.29
CA GLU A 290 7.47 24.53 0.77
C GLU A 290 7.87 24.99 2.11
N LYS A 291 6.95 25.70 2.71
CA LYS A 291 7.18 26.04 4.10
C LYS A 291 7.29 24.77 4.94
N ASP A 292 6.25 23.95 4.93
CA ASP A 292 6.25 22.74 5.73
C ASP A 292 7.46 21.88 5.41
N PHE A 293 7.87 21.86 4.15
CA PHE A 293 9.08 21.14 3.76
C PHE A 293 10.27 21.60 4.59
N LEU A 294 10.46 22.91 4.68
CA LEU A 294 11.54 23.48 5.48
C LEU A 294 11.36 23.18 6.97
N GLU A 295 10.13 23.02 7.42
CA GLU A 295 9.91 22.62 8.81
C GLU A 295 10.30 21.15 9.03
N ILE A 296 10.04 20.29 8.06
CA ILE A 296 10.42 18.89 8.19
C ILE A 296 11.93 18.77 8.34
N ALA A 297 12.67 19.38 7.40
CA ALA A 297 14.13 19.40 7.52
C ALA A 297 14.57 19.97 8.85
N ARG A 298 13.82 20.95 9.37
CA ARG A 298 14.14 21.51 10.68
C ARG A 298 14.07 20.46 11.78
N GLY A 299 13.00 19.67 11.80
CA GLY A 299 12.88 18.63 12.81
C GLY A 299 14.00 17.61 12.72
N LEU A 300 14.34 17.18 11.50
CA LEU A 300 15.43 16.22 11.31
C LEU A 300 16.74 16.74 11.90
N VAL A 301 17.17 17.92 11.46
CA VAL A 301 18.33 18.58 12.05
C VAL A 301 18.21 18.50 13.56
N ASP A 302 17.11 19.02 14.09
CA ASP A 302 16.93 19.09 15.54
C ASP A 302 16.91 17.72 16.20
N SER A 303 16.68 16.64 15.45
CA SER A 303 16.70 15.30 16.06
C SER A 303 18.10 14.81 16.37
N LYS A 304 19.12 15.33 15.67
CA LYS A 304 20.51 14.92 15.83
C LYS A 304 20.73 13.48 15.40
N GLN A 305 19.82 12.91 14.64
CA GLN A 305 19.94 11.55 14.17
C GLN A 305 20.37 11.54 12.71
N SER A 306 21.14 10.52 12.33
CA SER A 306 21.44 10.33 10.92
C SER A 306 20.15 9.94 10.20
N PHE A 307 20.01 10.41 8.97
CA PHE A 307 18.80 10.10 8.23
C PHE A 307 19.12 9.83 6.77
N LEU A 308 18.35 8.92 6.20
CA LEU A 308 18.27 8.71 4.78
C LEU A 308 16.86 9.13 4.34
N TRP A 309 16.78 10.14 3.49
CA TRP A 309 15.52 10.76 3.09
C TRP A 309 15.30 10.52 1.60
N VAL A 310 14.26 9.75 1.27
CA VAL A 310 13.75 9.67 -0.10
C VAL A 310 12.82 10.85 -0.35
N VAL A 311 13.16 11.70 -1.32
CA VAL A 311 12.28 12.79 -1.73
C VAL A 311 11.99 12.62 -3.22
N ARG A 312 10.73 12.37 -3.56
CA ARG A 312 10.32 12.31 -4.95
C ARG A 312 10.30 13.70 -5.55
N PRO A 313 10.84 13.91 -6.75
CA PRO A 313 10.65 15.20 -7.42
C PRO A 313 9.17 15.58 -7.42
N GLY A 314 8.89 16.85 -7.15
CA GLY A 314 7.53 17.31 -7.03
C GLY A 314 6.98 17.27 -5.62
N PHE A 315 7.67 16.61 -4.68
CA PHE A 315 7.26 16.68 -3.29
C PHE A 315 7.20 18.10 -2.78
N VAL A 316 7.94 19.02 -3.38
CA VAL A 316 7.96 20.40 -2.95
C VAL A 316 7.30 21.24 -4.03
N LYS A 317 6.29 22.02 -3.64
CA LYS A 317 5.78 23.10 -4.48
C LYS A 317 6.51 24.38 -4.13
N GLY A 318 7.04 25.10 -5.11
CA GLY A 318 6.98 24.71 -6.51
C GLY A 318 8.16 24.14 -7.26
N SER A 319 9.20 23.85 -6.49
CA SER A 319 10.43 23.25 -6.97
C SER A 319 10.44 21.92 -7.69
N THR A 320 11.49 21.70 -8.47
CA THR A 320 11.68 20.39 -9.07
C THR A 320 11.94 19.34 -8.01
N TRP A 321 12.61 19.71 -6.92
CA TRP A 321 13.21 18.75 -6.01
C TRP A 321 13.25 19.71 -4.83
N VAL A 322 13.94 19.33 -3.75
CA VAL A 322 14.26 20.26 -2.66
C VAL A 322 15.30 21.35 -2.97
N GLU A 323 15.00 22.24 -3.92
CA GLU A 323 15.84 23.42 -4.10
C GLU A 323 15.74 24.34 -2.89
N PRO A 324 14.55 24.47 -2.28
CA PRO A 324 14.41 25.36 -1.12
C PRO A 324 15.19 24.93 0.11
N LEU A 325 15.98 23.87 0.04
CA LEU A 325 16.79 23.47 1.18
C LEU A 325 18.01 24.40 1.28
N PRO A 326 18.23 25.06 2.43
CA PRO A 326 19.50 25.79 2.59
C PRO A 326 20.66 24.83 2.46
N ASP A 327 21.33 24.86 1.30
CA ASP A 327 22.40 23.92 0.99
C ASP A 327 23.29 23.67 2.21
N GLY A 328 23.46 22.39 2.55
CA GLY A 328 24.28 22.04 3.68
C GLY A 328 23.55 21.80 4.98
N PHE A 329 22.25 21.47 4.91
CA PHE A 329 21.61 20.86 6.07
C PHE A 329 22.12 19.45 6.26
N LEU A 330 22.24 18.71 5.16
CA LEU A 330 22.67 17.32 5.19
C LEU A 330 23.99 17.16 5.94
N GLY A 331 25.06 17.73 5.38
CA GLY A 331 26.38 17.57 5.95
C GLY A 331 26.75 16.12 6.16
N GLU A 332 27.04 15.77 7.41
CA GLU A 332 27.54 14.45 7.75
C GLU A 332 26.41 13.44 7.90
N ARG A 333 25.42 13.74 8.74
CA ARG A 333 24.46 12.74 9.17
C ARG A 333 23.27 12.56 8.23
N GLY A 334 23.07 13.46 7.27
CA GLY A 334 21.90 13.43 6.41
C GLY A 334 22.23 13.11 4.96
N ARG A 335 21.34 12.36 4.32
CA ARG A 335 21.42 12.13 2.88
C ARG A 335 20.02 12.14 2.26
N ILE A 336 19.92 12.72 1.07
CA ILE A 336 18.67 12.81 0.34
C ILE A 336 18.85 12.16 -1.02
N VAL A 337 17.90 11.32 -1.39
CA VAL A 337 17.96 10.56 -2.62
C VAL A 337 16.56 10.54 -3.23
N LYS A 338 16.49 10.05 -4.45
CA LYS A 338 15.21 10.07 -5.14
C LYS A 338 14.49 8.74 -5.07
N TRP A 339 15.20 7.63 -4.83
CA TRP A 339 14.49 6.37 -4.89
C TRP A 339 15.44 5.26 -4.46
N VAL A 340 14.92 4.32 -3.66
CA VAL A 340 15.74 3.20 -3.18
C VAL A 340 14.96 1.91 -3.24
N PRO A 341 15.59 0.75 -3.05
CA PRO A 341 14.82 -0.45 -2.76
C PRO A 341 14.35 -0.39 -1.32
N GLN A 342 13.14 0.10 -1.08
CA GLN A 342 12.75 0.52 0.27
C GLN A 342 12.83 -0.61 1.27
N GLN A 343 12.19 -1.75 0.98
CA GLN A 343 12.19 -2.85 1.95
C GLN A 343 13.61 -3.37 2.23
N GLU A 344 14.44 -3.47 1.18
CA GLU A 344 15.84 -3.82 1.38
C GLU A 344 16.53 -2.83 2.31
N VAL A 345 16.21 -1.53 2.19
CA VAL A 345 16.79 -0.56 3.11
C VAL A 345 16.27 -0.80 4.52
N LEU A 346 14.95 -1.06 4.66
CA LEU A 346 14.40 -1.30 5.99
C LEU A 346 15.01 -2.52 6.65
N ALA A 347 15.52 -3.47 5.85
CA ALA A 347 16.14 -4.69 6.37
C ALA A 347 17.60 -4.48 6.77
N HIS A 348 18.21 -3.38 6.38
CA HIS A 348 19.62 -3.16 6.71
C HIS A 348 19.75 -2.80 8.18
N GLY A 349 20.79 -3.34 8.83
CA GLY A 349 20.96 -3.15 10.27
C GLY A 349 21.09 -1.69 10.71
N ALA A 350 21.53 -0.81 9.83
CA ALA A 350 21.70 0.60 10.21
C ALA A 350 20.38 1.28 10.58
N ILE A 351 19.27 0.82 10.01
CA ILE A 351 18.00 1.54 10.13
C ILE A 351 17.43 1.30 11.53
N GLY A 352 17.15 2.39 12.24
CA GLY A 352 16.55 2.28 13.55
C GLY A 352 15.09 2.70 13.58
N ALA A 353 14.63 3.40 12.55
CA ALA A 353 13.26 3.90 12.56
C ALA A 353 12.87 4.32 11.16
N PHE A 354 11.56 4.42 10.92
CA PHE A 354 10.99 4.75 9.63
C PHE A 354 9.94 5.83 9.86
N TRP A 355 10.23 7.05 9.40
CA TRP A 355 9.25 8.11 9.34
C TRP A 355 8.51 7.97 8.02
N THR A 356 7.25 7.58 8.08
CA THR A 356 6.50 7.16 6.91
C THR A 356 5.25 7.99 6.75
N HIS A 357 4.75 8.06 5.53
CA HIS A 357 3.44 8.66 5.34
C HIS A 357 2.31 7.68 5.64
N SER A 358 2.62 6.46 6.09
CA SER A 358 1.63 5.45 6.45
C SER A 358 0.95 4.82 5.24
N GLY A 359 1.55 4.87 4.05
CA GLY A 359 1.03 4.06 2.95
C GLY A 359 0.94 2.63 3.46
N TRP A 360 0.03 1.81 2.94
CA TRP A 360 -0.11 0.49 3.58
C TRP A 360 1.10 -0.40 3.28
N ASN A 361 1.62 -0.39 2.04
CA ASN A 361 2.80 -1.21 1.75
C ASN A 361 3.97 -0.79 2.62
N SER A 362 4.23 0.52 2.72
CA SER A 362 5.35 0.97 3.55
C SER A 362 5.16 0.52 4.99
N THR A 363 3.94 0.65 5.53
CA THR A 363 3.68 0.25 6.91
C THR A 363 3.90 -1.25 7.09
N LEU A 364 3.34 -2.06 6.20
CA LEU A 364 3.52 -3.50 6.29
C LEU A 364 4.98 -3.86 6.10
N GLU A 365 5.65 -3.23 5.13
CA GLU A 365 7.08 -3.47 4.94
C GLU A 365 7.84 -3.24 6.25
N SER A 366 7.68 -2.05 6.85
CA SER A 366 8.36 -1.74 8.10
C SER A 366 8.01 -2.75 9.19
N VAL A 367 6.72 -3.14 9.30
CA VAL A 367 6.35 -4.14 10.29
C VAL A 367 7.07 -5.45 10.04
N CYS A 368 7.17 -5.86 8.76
CA CYS A 368 7.78 -7.16 8.44
C CYS A 368 9.29 -7.13 8.62
N GLU A 369 9.90 -5.96 8.68
CA GLU A 369 11.33 -5.86 8.91
C GLU A 369 11.67 -5.50 10.34
N GLY A 370 10.69 -5.24 11.18
CA GLY A 370 10.97 -5.02 12.58
C GLY A 370 11.36 -3.62 12.92
N VAL A 371 10.95 -2.64 12.11
CA VAL A 371 11.42 -1.27 12.24
C VAL A 371 10.27 -0.41 12.77
N PRO A 372 10.42 0.24 13.93
CA PRO A 372 9.36 1.10 14.45
C PRO A 372 9.26 2.40 13.67
N MET A 373 8.13 3.10 13.84
CA MET A 373 7.76 4.16 12.92
C MET A 373 7.44 5.48 13.61
N ILE A 374 7.64 6.55 12.84
CA ILE A 374 7.03 7.85 13.07
C ILE A 374 6.03 8.06 11.93
N PHE A 375 4.80 8.42 12.27
CA PHE A 375 3.74 8.51 11.28
C PHE A 375 3.40 9.97 10.98
N SER A 376 3.43 10.31 9.71
CA SER A 376 2.64 11.41 9.16
C SER A 376 1.56 10.81 8.27
N ASP A 377 0.74 11.65 7.64
CA ASP A 377 -0.27 11.12 6.75
C ASP A 377 -0.68 12.21 5.76
N PHE A 378 -1.30 11.83 4.66
CA PHE A 378 -1.84 12.74 3.69
C PHE A 378 -3.21 12.28 3.26
N GLY A 379 -4.02 11.86 4.21
CA GLY A 379 -5.34 11.36 3.92
C GLY A 379 -5.42 10.00 3.26
N LEU A 380 -6.55 9.72 2.64
CA LEU A 380 -7.00 8.38 2.32
C LEU A 380 -6.85 7.41 3.46
N ASP A 381 -6.26 6.25 3.22
CA ASP A 381 -6.13 5.26 4.27
C ASP A 381 -5.06 5.55 5.31
N GLN A 382 -4.14 6.44 4.97
CA GLN A 382 -3.02 6.84 5.78
C GLN A 382 -3.27 7.24 7.24
N PRO A 383 -4.21 8.12 7.54
CA PRO A 383 -4.42 8.41 8.97
C PRO A 383 -4.94 7.20 9.74
N LEU A 384 -5.77 6.39 9.10
CA LEU A 384 -6.25 5.16 9.73
C LEU A 384 -5.09 4.23 10.04
N ASN A 385 -4.20 4.02 9.07
CA ASN A 385 -3.04 3.18 9.30
C ASN A 385 -2.20 3.71 10.46
N ALA A 386 -1.97 5.02 10.51
CA ALA A 386 -1.16 5.58 11.60
C ALA A 386 -1.86 5.42 12.93
N ARG A 387 -3.17 5.71 12.98
CA ARG A 387 -3.92 5.49 14.21
C ARG A 387 -3.74 4.05 14.70
N TYR A 388 -3.93 3.09 13.80
CA TYR A 388 -3.91 1.68 14.21
C TYR A 388 -2.53 1.28 14.73
N MET A 389 -1.49 1.47 13.91
CA MET A 389 -0.13 1.08 14.32
C MET A 389 0.30 1.79 15.60
N SER A 390 -0.03 3.08 15.74
CA SER A 390 0.49 3.83 16.87
C SER A 390 -0.29 3.54 18.15
N ASP A 391 -1.62 3.38 18.04
CA ASP A 391 -2.49 3.28 19.21
C ASP A 391 -2.94 1.87 19.54
N VAL A 392 -3.06 0.98 18.56
CA VAL A 392 -3.47 -0.40 18.80
C VAL A 392 -2.27 -1.32 18.89
N LEU A 393 -1.52 -1.44 17.80
CA LEU A 393 -0.29 -2.24 17.86
C LEU A 393 0.76 -1.55 18.71
N LYS A 394 0.80 -0.22 18.67
CA LYS A 394 1.77 0.58 19.43
C LYS A 394 3.20 0.38 18.93
N VAL A 395 3.38 0.41 17.60
CA VAL A 395 4.71 0.25 17.00
C VAL A 395 5.22 1.55 16.38
N GLY A 396 4.66 2.70 16.75
CA GLY A 396 5.20 3.96 16.27
C GLY A 396 4.60 5.13 17.00
N VAL A 397 4.97 6.33 16.55
CA VAL A 397 4.47 7.57 17.14
C VAL A 397 3.78 8.38 16.04
N TYR A 398 2.54 8.81 16.31
CA TYR A 398 1.74 9.50 15.30
C TYR A 398 1.83 11.00 15.54
N LEU A 399 2.55 11.70 14.65
CA LEU A 399 2.55 13.16 14.62
C LEU A 399 1.25 13.58 13.95
N GLU A 400 0.21 13.72 14.76
CA GLU A 400 -1.14 13.92 14.24
C GLU A 400 -1.57 15.38 14.25
N ASN A 401 -0.64 16.29 14.48
CA ASN A 401 -0.94 17.71 14.56
C ASN A 401 -0.04 18.50 13.62
N GLY A 402 0.29 17.91 12.48
CA GLY A 402 1.04 18.62 11.47
C GLY A 402 2.54 18.53 11.60
N TRP A 403 3.22 19.67 11.44
CA TRP A 403 4.68 19.72 11.36
C TRP A 403 5.23 20.81 12.28
N GLU A 404 5.50 20.49 13.53
CA GLU A 404 6.13 21.44 14.43
C GLU A 404 7.57 20.99 14.72
N ARG A 405 8.48 21.96 14.71
CA ARG A 405 9.91 21.75 14.93
C ARG A 405 10.19 20.67 15.97
N GLY A 406 9.80 20.94 17.21
CA GLY A 406 10.14 20.08 18.33
C GLY A 406 9.36 18.78 18.40
N GLU A 407 8.05 18.85 18.20
CA GLU A 407 7.26 17.61 18.19
C GLU A 407 7.89 16.58 17.25
N ILE A 408 8.38 17.04 16.09
CA ILE A 408 9.05 16.16 15.15
C ILE A 408 10.29 15.54 15.79
N ALA A 409 11.11 16.37 16.42
CA ALA A 409 12.37 15.87 16.97
C ALA A 409 12.13 15.00 18.20
N ASN A 410 11.10 15.30 18.99
CA ASN A 410 10.77 14.44 20.13
C ASN A 410 10.38 13.04 19.67
N ALA A 411 9.51 12.96 18.66
CA ALA A 411 9.04 11.66 18.19
C ALA A 411 10.19 10.81 17.67
N ILE A 412 11.09 11.41 16.88
CA ILE A 412 12.22 10.68 16.32
C ILE A 412 13.11 10.16 17.45
N ARG A 413 13.47 11.03 18.39
CA ARG A 413 14.34 10.61 19.49
C ARG A 413 13.65 9.59 20.36
N ARG A 414 12.36 9.81 20.66
CA ARG A 414 11.62 8.87 21.49
C ARG A 414 11.64 7.47 20.90
N VAL A 415 11.45 7.38 19.58
CA VAL A 415 11.50 6.09 18.92
C VAL A 415 12.92 5.55 18.88
N MET A 416 13.89 6.41 18.58
CA MET A 416 15.24 5.92 18.29
C MET A 416 16.16 5.87 19.51
N VAL A 417 16.06 6.81 20.44
CA VAL A 417 17.08 6.85 21.49
C VAL A 417 16.50 6.83 22.91
N ASP A 418 15.35 7.45 23.13
CA ASP A 418 14.82 7.60 24.49
C ASP A 418 14.63 6.23 25.14
N GLU A 419 14.99 6.14 26.42
CA GLU A 419 14.57 4.97 27.20
C GLU A 419 13.06 4.81 27.16
N GLU A 420 12.32 5.92 27.27
CA GLU A 420 10.87 5.86 27.37
C GLU A 420 10.24 5.13 26.20
N GLY A 421 10.93 5.02 25.06
CA GLY A 421 10.42 4.35 23.89
C GLY A 421 10.89 2.93 23.67
N GLU A 422 11.55 2.31 24.66
CA GLU A 422 11.94 0.91 24.50
C GLU A 422 10.75 0.04 24.12
N TYR A 423 9.59 0.29 24.72
CA TYR A 423 8.44 -0.57 24.45
C TYR A 423 8.03 -0.48 22.98
N ILE A 424 8.25 0.66 22.34
CA ILE A 424 7.94 0.77 20.92
C ILE A 424 8.93 -0.06 20.10
N ARG A 425 10.23 0.11 20.37
CA ARG A 425 11.25 -0.71 19.71
C ARG A 425 10.95 -2.19 19.88
N GLN A 426 10.68 -2.60 21.12
CA GLN A 426 10.41 -4.01 21.41
C GLN A 426 9.14 -4.49 20.71
N ASN A 427 8.08 -3.68 20.74
CA ASN A 427 6.84 -4.06 20.06
C ASN A 427 7.08 -4.30 18.57
N ALA A 428 7.87 -3.45 17.91
CA ALA A 428 8.17 -3.71 16.50
C ALA A 428 8.85 -5.07 16.34
N ARG A 429 9.83 -5.36 17.19
CA ARG A 429 10.54 -6.65 17.14
C ARG A 429 9.59 -7.82 17.32
N VAL A 430 8.73 -7.76 18.35
CA VAL A 430 7.78 -8.84 18.60
C VAL A 430 6.83 -9.02 17.41
N LEU A 431 6.37 -7.91 16.82
CA LEU A 431 5.43 -8.05 15.70
C LEU A 431 6.11 -8.67 14.49
N LYS A 432 7.34 -8.26 14.17
CA LYS A 432 8.08 -8.93 13.10
C LYS A 432 8.17 -10.42 13.34
N GLN A 433 8.55 -10.80 14.56
CA GLN A 433 8.62 -12.20 14.95
C GLN A 433 7.29 -12.91 14.73
N LYS A 434 6.18 -12.23 15.01
CA LYS A 434 4.87 -12.84 14.80
C LYS A 434 4.58 -13.01 13.31
N ALA A 435 5.02 -12.06 12.48
CA ALA A 435 4.92 -12.22 11.04
C ALA A 435 5.74 -13.43 10.57
N ASP A 436 6.94 -13.61 11.12
CA ASP A 436 7.76 -14.76 10.73
C ASP A 436 7.10 -16.07 11.14
N VAL A 437 6.59 -16.14 12.38
CA VAL A 437 5.93 -17.35 12.85
C VAL A 437 4.73 -17.71 11.97
N SER A 438 4.00 -16.71 11.46
CA SER A 438 2.79 -16.96 10.69
C SER A 438 3.06 -17.56 9.31
N LEU A 439 4.30 -17.45 8.81
CA LEU A 439 4.65 -18.10 7.54
C LEU A 439 5.03 -19.57 7.69
N MET A 440 5.41 -20.02 8.89
CA MET A 440 5.84 -21.38 9.19
C MET A 440 4.66 -22.35 9.05
N LYS A 441 4.97 -23.66 9.02
CA LYS A 441 3.93 -24.69 9.05
C LYS A 441 3.02 -24.51 10.26
N GLY A 442 1.71 -24.49 10.02
CA GLY A 442 0.76 -24.27 11.10
C GLY A 442 0.59 -22.82 11.54
N GLY A 443 1.05 -21.85 10.75
CA GLY A 443 0.83 -20.46 11.05
C GLY A 443 -0.35 -19.93 10.26
N SER A 444 -0.95 -18.85 10.77
CA SER A 444 -2.10 -18.25 10.11
C SER A 444 -1.86 -18.07 8.61
N SER A 445 -0.74 -17.44 8.25
CA SER A 445 -0.48 -17.13 6.84
C SER A 445 -0.23 -18.40 6.03
N TYR A 446 0.60 -19.29 6.56
CA TYR A 446 0.86 -20.56 5.90
C TYR A 446 -0.45 -21.25 5.53
N GLU A 447 -1.39 -21.33 6.48
CA GLU A 447 -2.67 -21.99 6.19
C GLU A 447 -3.53 -21.14 5.26
N SER A 448 -3.53 -19.81 5.41
CA SER A 448 -4.23 -18.97 4.44
C SER A 448 -3.75 -19.28 3.03
N LEU A 449 -2.44 -19.39 2.85
CA LEU A 449 -1.86 -19.65 1.54
C LEU A 449 -2.15 -21.08 1.06
N GLU A 450 -2.03 -22.07 1.95
CA GLU A 450 -2.39 -23.44 1.59
C GLU A 450 -3.86 -23.52 1.16
N SER A 451 -4.72 -22.75 1.81
CA SER A 451 -6.15 -22.74 1.47
C SER A 451 -6.38 -22.07 0.13
N LEU A 452 -5.72 -20.91 -0.09
CA LEU A 452 -5.86 -20.24 -1.37
C LEU A 452 -5.46 -21.16 -2.51
N VAL A 453 -4.34 -21.86 -2.36
CA VAL A 453 -3.88 -22.73 -3.44
C VAL A 453 -4.90 -23.83 -3.68
N SER A 454 -5.38 -24.46 -2.60
CA SER A 454 -6.39 -25.49 -2.73
C SER A 454 -7.65 -24.92 -3.36
N TYR A 455 -8.09 -23.74 -2.90
CA TYR A 455 -9.33 -23.15 -3.38
C TYR A 455 -9.26 -22.86 -4.88
N ILE A 456 -8.16 -22.27 -5.35
CA ILE A 456 -8.06 -21.91 -6.76
C ILE A 456 -8.05 -23.15 -7.64
N SER A 457 -7.39 -24.23 -7.17
CA SER A 457 -7.34 -25.47 -7.93
C SER A 457 -8.70 -26.15 -8.04
N SER A 458 -9.61 -25.88 -7.10
CA SER A 458 -10.98 -26.39 -7.16
C SER A 458 -11.86 -25.57 -8.09
N LEU A 459 -11.58 -24.27 -8.23
CA LEU A 459 -12.24 -23.49 -9.28
C LEU A 459 -11.99 -24.12 -10.64
N THR A 460 -10.80 -24.67 -10.84
CA THR A 460 -10.40 -25.41 -12.03
C THR A 460 -10.82 -26.89 -11.96
#